data_6E2V
#
_entry.id   6E2V
#
_cell.length_a   79.636
_cell.length_b   98.599
_cell.length_c   45.632
_cell.angle_alpha   90.00
_cell.angle_beta   90.00
_cell.angle_gamma   90.00
#
_symmetry.space_group_name_H-M   'P 21 21 2'
#
loop_
_entity.id
_entity.type
_entity.pdbx_description
1 polymer 'Mevalonate diphosphate decarboxylase'
2 non-polymer 'MAGNESIUM ION'
3 non-polymer '(3R)-3-HYDROXY-5-{[(R)-HYDROXY(PHOSPHONOOXY)PHOSPHORYL]OXY}-3-METHYLPENTANOIC ACID'
4 non-polymer 'BERYLLIUM TRIFLUORIDE ION'
5 non-polymer "ADENOSINE-5'-DIPHOSPHATE"
6 water water
#
_entity_poly.entity_id   1
_entity_poly.type   'polypeptide(L)'
_entity_poly.pdbx_seq_one_letter_code
;MHHHHHHHHGVDLGTENLYFQSNAMLSGKARAHTNIALIKYWGKANEEYILPMNSSLSLTLDAFYTETTVTFDAHYSEDV
FILNGILQNEKQTKKVKEFLNLVRQQADCTWFAKVESQNFVPTAAGLASSASGLAALAGACNVALGLNLSAKDLSRLARR
GSGSACRSIFGGFAQWNKGHSDETSFAENIPANNWENELAMLFILINDGEKDVSSRDGMKRTVETSSFYQGWLDNVEKDL
SQVHEAIKTKDFPRLGEIIEANGLRMHGTTLGAVPPFTYWSPGSLQAMALVRQARAKGIPCYFTMDAGPNVKVLVEKKNL
EALKTFLSEHFSKEQLVPAFAGPGIELFETKGMDK
;
_entity_poly.pdbx_strand_id   A
#
# COMPACT_ATOMS: atom_id res chain seq x y z
N ALA A 24 -19.32 29.65 -3.67
CA ALA A 24 -18.14 29.52 -2.76
C ALA A 24 -17.82 28.05 -2.53
N MET A 25 -17.19 27.46 -3.52
CA MET A 25 -16.86 26.06 -3.49
C MET A 25 -15.52 25.87 -4.19
N LEU A 26 -14.82 24.83 -3.78
CA LEU A 26 -13.54 24.46 -4.36
C LEU A 26 -13.57 22.94 -4.55
N SER A 27 -13.23 22.50 -5.73
CA SER A 27 -13.28 21.08 -6.04
C SER A 27 -12.08 20.53 -6.77
N GLY A 28 -11.94 19.23 -6.68
CA GLY A 28 -10.80 18.57 -7.30
C GLY A 28 -11.00 17.07 -7.32
N LYS A 29 -10.19 16.41 -8.14
CA LYS A 29 -10.36 14.99 -8.42
C LYS A 29 -8.99 14.37 -8.62
N ALA A 30 -8.85 13.10 -8.20
CA ALA A 30 -7.60 12.39 -8.46
C ALA A 30 -7.83 10.90 -8.59
N ARG A 31 -7.00 10.26 -9.40
CA ARG A 31 -6.91 8.81 -9.45
C ARG A 31 -5.54 8.38 -8.96
N ALA A 32 -5.51 7.42 -8.04
CA ALA A 32 -4.24 6.88 -7.58
C ALA A 32 -4.32 5.36 -7.61
N HIS A 33 -3.21 4.73 -8.00
CA HIS A 33 -3.13 3.27 -7.99
C HIS A 33 -2.58 2.76 -6.66
N THR A 34 -2.90 1.51 -6.35
CA THR A 34 -2.27 0.86 -5.20
C THR A 34 -0.80 0.55 -5.51
N ASN A 35 -0.07 0.23 -4.45
CA ASN A 35 1.26 -0.32 -4.57
C ASN A 35 1.38 -1.48 -3.58
N ILE A 36 2.35 -2.36 -3.80
CA ILE A 36 2.61 -3.45 -2.88
C ILE A 36 4.06 -3.34 -2.46
N ALA A 37 4.27 -3.41 -1.16
CA ALA A 37 5.57 -3.22 -0.57
C ALA A 37 6.37 -4.49 -0.77
N LEU A 38 7.56 -4.35 -1.39
CA LEU A 38 8.51 -5.45 -1.51
C LEU A 38 9.34 -5.57 -0.25
N ILE A 39 9.74 -4.42 0.28
CA ILE A 39 10.29 -4.30 1.61
C ILE A 39 9.27 -3.53 2.41
N LYS A 40 8.79 -4.11 3.51
CA LYS A 40 7.59 -3.64 4.18
C LYS A 40 7.86 -2.45 5.09
N TYR A 41 6.89 -1.54 5.14
CA TYR A 41 6.71 -0.60 6.24
C TYR A 41 5.92 -1.30 7.35
N TRP A 42 6.48 -1.37 8.55
CA TRP A 42 5.78 -2.01 9.66
C TRP A 42 6.23 -1.29 10.94
N GLY A 43 5.39 -0.40 11.43
CA GLY A 43 5.58 0.29 12.70
C GLY A 43 6.00 1.73 12.55
N LYS A 44 5.30 2.63 13.29
CA LYS A 44 5.56 4.07 13.23
C LYS A 44 6.52 4.49 14.33
N ALA A 45 7.49 5.32 13.96
CA ALA A 45 8.29 6.00 14.96
C ALA A 45 7.55 7.20 15.54
N ASN A 46 6.70 7.84 14.74
CA ASN A 46 5.90 8.96 15.20
C ASN A 46 4.47 8.71 14.72
N GLU A 47 3.54 8.47 15.64
CA GLU A 47 2.19 8.14 15.20
C GLU A 47 1.45 9.35 14.67
N GLU A 48 1.73 10.55 15.19
CA GLU A 48 0.95 11.72 14.80
C GLU A 48 1.23 12.12 13.36
N TYR A 49 2.47 12.06 12.95
CA TYR A 49 2.91 12.46 11.63
C TYR A 49 3.15 11.28 10.68
N ILE A 50 3.01 10.07 11.18
CA ILE A 50 3.22 8.81 10.44
C ILE A 50 4.63 8.87 9.89
N LEU A 51 5.62 8.90 10.80
CA LEU A 51 6.99 8.76 10.39
C LEU A 51 7.39 7.34 10.73
N PRO A 52 7.98 6.60 9.80
CA PRO A 52 8.11 5.14 9.97
C PRO A 52 9.39 4.77 10.71
N MET A 53 9.36 3.62 11.40
CA MET A 53 10.56 3.07 12.02
C MET A 53 11.57 2.62 10.97
N ASN A 54 11.13 2.29 9.76
CA ASN A 54 12.08 1.82 8.75
C ASN A 54 11.58 2.29 7.39
N SER A 55 12.53 2.37 6.48
CA SER A 55 12.24 2.68 5.10
C SER A 55 11.65 1.47 4.38
N SER A 56 10.96 1.74 3.27
CA SER A 56 10.22 0.71 2.55
C SER A 56 10.34 0.94 1.05
N LEU A 57 9.97 -0.08 0.29
CA LEU A 57 10.16 -0.07 -1.16
C LEU A 57 9.04 -0.89 -1.80
N SER A 58 8.36 -0.30 -2.78
CA SER A 58 7.13 -0.83 -3.32
C SER A 58 7.17 -0.83 -4.84
N LEU A 59 6.20 -1.56 -5.41
CA LEU A 59 5.88 -1.53 -6.83
C LEU A 59 4.43 -1.07 -6.96
N THR A 60 4.19 0.02 -7.70
CA THR A 60 2.84 0.48 -8.00
C THR A 60 2.27 -0.38 -9.12
N LEU A 61 0.97 -0.64 -9.01
CA LEU A 61 0.31 -1.69 -9.77
C LEU A 61 -0.82 -1.11 -10.62
N ASP A 62 -1.03 -1.70 -11.80
CA ASP A 62 -2.03 -1.16 -12.71
C ASP A 62 -3.45 -1.64 -12.41
N ALA A 63 -3.62 -2.81 -11.79
CA ALA A 63 -4.95 -3.42 -11.71
C ALA A 63 -5.87 -2.83 -10.66
N PHE A 64 -5.36 -2.21 -9.61
CA PHE A 64 -6.19 -1.78 -8.49
C PHE A 64 -5.98 -0.30 -8.28
N TYR A 65 -7.05 0.41 -8.00
CA TYR A 65 -6.89 1.85 -7.85
C TYR A 65 -8.15 2.45 -7.27
N THR A 66 -8.05 3.75 -6.98
CA THR A 66 -9.10 4.50 -6.32
C THR A 66 -9.31 5.80 -7.08
N GLU A 67 -10.57 6.19 -7.27
CA GLU A 67 -10.88 7.47 -7.90
C GLU A 67 -11.64 8.29 -6.88
N THR A 68 -11.16 9.49 -6.61
CA THR A 68 -11.76 10.29 -5.54
C THR A 68 -11.96 11.74 -5.97
N THR A 69 -13.12 12.30 -5.64
CA THR A 69 -13.38 13.72 -5.83
C THR A 69 -13.68 14.34 -4.47
N VAL A 70 -13.24 15.57 -4.26
CA VAL A 70 -13.59 16.27 -3.02
C VAL A 70 -14.19 17.63 -3.37
N THR A 71 -15.23 18.02 -2.62
CA THR A 71 -15.77 19.37 -2.72
C THR A 71 -15.74 19.98 -1.34
N PHE A 72 -15.03 21.10 -1.20
CA PHE A 72 -15.19 21.97 -0.04
C PHE A 72 -16.21 23.05 -0.39
N ASP A 73 -17.13 23.36 0.53
CA ASP A 73 -18.19 24.31 0.21
C ASP A 73 -18.67 24.99 1.48
N ALA A 74 -18.70 26.32 1.45
CA ALA A 74 -19.14 27.10 2.59
C ALA A 74 -20.53 26.71 3.05
N HIS A 75 -21.34 26.12 2.18
CA HIS A 75 -22.71 25.76 2.54
C HIS A 75 -22.85 24.35 3.10
N TYR A 76 -21.78 23.56 3.15
CA TYR A 76 -21.88 22.27 3.80
C TYR A 76 -21.96 22.44 5.31
N SER A 77 -22.76 21.58 5.94
CA SER A 77 -22.94 21.60 7.39
C SER A 77 -22.10 20.54 8.12
N GLU A 78 -21.51 19.60 7.40
CA GLU A 78 -20.61 18.63 8.04
C GLU A 78 -19.79 17.96 6.95
N ASP A 79 -18.72 17.29 7.37
CA ASP A 79 -17.96 16.45 6.44
C ASP A 79 -18.75 15.20 6.08
N VAL A 80 -18.71 14.83 4.81
CA VAL A 80 -19.47 13.72 4.28
C VAL A 80 -18.50 12.88 3.46
N PHE A 81 -18.49 11.56 3.68
CA PHE A 81 -17.62 10.64 2.97
C PHE A 81 -18.49 9.52 2.39
N ILE A 82 -18.51 9.42 1.07
CA ILE A 82 -19.27 8.38 0.39
C ILE A 82 -18.25 7.48 -0.30
N LEU A 83 -18.30 6.18 0.02
CA LEU A 83 -17.34 5.22 -0.50
C LEU A 83 -18.10 4.12 -1.21
N ASN A 84 -17.82 3.95 -2.51
CA ASN A 84 -18.52 2.97 -3.34
C ASN A 84 -20.02 3.20 -3.31
N GLY A 85 -20.42 4.47 -3.27
CA GLY A 85 -21.82 4.83 -3.29
C GLY A 85 -22.54 4.61 -1.98
N ILE A 86 -21.84 4.25 -0.92
CA ILE A 86 -22.45 4.04 0.38
C ILE A 86 -21.98 5.16 1.31
N LEU A 87 -22.93 5.83 1.95
CA LEU A 87 -22.57 6.81 2.96
C LEU A 87 -21.85 6.12 4.11
N GLN A 88 -20.67 6.63 4.45
CA GLN A 88 -19.90 6.07 5.57
C GLN A 88 -20.34 6.68 6.89
N ASN A 89 -20.46 5.83 7.92
CA ASN A 89 -20.89 6.30 9.23
C ASN A 89 -19.75 6.97 9.98
N GLU A 90 -20.03 7.44 11.21
CA GLU A 90 -19.06 8.25 11.92
C GLU A 90 -17.75 7.50 12.08
N LYS A 91 -17.82 6.26 12.56
CA LYS A 91 -16.61 5.47 12.76
C LYS A 91 -15.86 5.31 11.44
N GLN A 92 -16.58 5.05 10.36
CA GLN A 92 -15.93 4.84 9.07
C GLN A 92 -15.42 6.14 8.47
N THR A 93 -15.79 7.29 9.03
CA THR A 93 -15.41 8.59 8.49
C THR A 93 -14.38 9.29 9.37
N LYS A 94 -14.18 8.82 10.61
CA LYS A 94 -13.28 9.48 11.57
C LYS A 94 -11.89 9.79 10.98
N LYS A 95 -11.31 8.84 10.24
CA LYS A 95 -9.98 9.03 9.68
C LYS A 95 -9.99 9.99 8.47
N VAL A 96 -10.98 9.87 7.57
CA VAL A 96 -11.11 10.86 6.51
C VAL A 96 -11.21 12.24 7.11
N LYS A 97 -12.00 12.37 8.18
CA LYS A 97 -12.13 13.67 8.84
C LYS A 97 -10.80 14.14 9.42
N GLU A 98 -9.99 13.22 9.96
CA GLU A 98 -8.68 13.63 10.47
C GLU A 98 -7.83 14.19 9.34
N PHE A 99 -7.83 13.50 8.20
CA PHE A 99 -7.07 14.01 7.06
C PHE A 99 -7.61 15.36 6.60
N LEU A 100 -8.94 15.49 6.49
CA LEU A 100 -9.51 16.75 6.03
C LEU A 100 -9.14 17.87 6.96
N ASN A 101 -9.15 17.61 8.29
CA ASN A 101 -8.71 18.63 9.25
C ASN A 101 -7.27 19.03 8.99
N LEU A 102 -6.41 18.07 8.64
CA LEU A 102 -5.01 18.41 8.37
C LEU A 102 -4.91 19.33 7.18
N VAL A 103 -5.54 18.97 6.06
CA VAL A 103 -5.36 19.78 4.88
C VAL A 103 -6.04 21.14 5.07
N ARG A 104 -7.15 21.20 5.82
CA ARG A 104 -7.80 22.48 6.07
C ARG A 104 -6.91 23.41 6.88
N GLN A 105 -6.30 22.91 7.97
CA GLN A 105 -5.39 23.76 8.74
C GLN A 105 -4.19 24.19 7.90
N GLN A 106 -3.74 23.32 7.00
CA GLN A 106 -2.64 23.63 6.09
C GLN A 106 -3.01 24.79 5.18
N ALA A 107 -4.27 24.86 4.75
CA ALA A 107 -4.70 25.91 3.83
C ALA A 107 -5.44 27.05 4.52
N ASP A 108 -5.67 26.94 5.82
CA ASP A 108 -6.48 27.91 6.58
C ASP A 108 -7.90 27.98 6.01
N CYS A 109 -8.42 26.82 5.59
CA CYS A 109 -9.76 26.69 5.03
C CYS A 109 -10.72 26.22 6.10
N THR A 110 -11.85 26.90 6.23
CA THR A 110 -12.80 26.62 7.30
C THR A 110 -14.05 25.92 6.81
N TRP A 111 -14.02 25.33 5.61
CA TRP A 111 -15.20 24.73 5.01
C TRP A 111 -15.24 23.24 5.24
N PHE A 112 -16.43 22.74 5.52
CA PHE A 112 -16.67 21.31 5.46
C PHE A 112 -16.58 20.83 4.02
N ALA A 113 -16.42 19.52 3.88
CA ALA A 113 -16.16 18.92 2.60
C ALA A 113 -17.02 17.69 2.35
N LYS A 114 -17.08 17.32 1.09
CA LYS A 114 -17.74 16.11 0.63
C LYS A 114 -16.72 15.29 -0.14
N VAL A 115 -16.42 14.08 0.35
CA VAL A 115 -15.51 13.14 -0.31
C VAL A 115 -16.35 12.02 -0.91
N GLU A 116 -16.22 11.82 -2.21
CA GLU A 116 -16.88 10.72 -2.87
C GLU A 116 -15.80 9.91 -3.55
N SER A 117 -15.72 8.63 -3.19
CA SER A 117 -14.63 7.79 -3.64
C SER A 117 -15.16 6.46 -4.19
N GLN A 118 -14.48 5.94 -5.20
CA GLN A 118 -14.73 4.59 -5.67
C GLN A 118 -13.45 3.76 -5.61
N ASN A 119 -13.51 2.64 -4.87
CA ASN A 119 -12.40 1.71 -4.75
C ASN A 119 -12.53 0.66 -5.83
N PHE A 120 -11.63 0.70 -6.81
CA PHE A 120 -11.40 -0.38 -7.74
C PHE A 120 -10.38 -1.35 -7.15
N VAL A 121 -10.77 -1.86 -5.97
CA VAL A 121 -9.93 -2.70 -5.12
C VAL A 121 -10.73 -3.07 -3.89
N PRO A 122 -10.62 -4.28 -3.35
CA PRO A 122 -11.32 -4.57 -2.10
C PRO A 122 -10.77 -3.73 -0.95
N THR A 123 -11.68 -3.28 -0.09
CA THR A 123 -11.40 -2.35 0.98
C THR A 123 -10.99 -3.09 2.25
N ALA A 124 -9.83 -2.72 2.82
CA ALA A 124 -9.47 -3.15 4.17
C ALA A 124 -9.22 -4.65 4.20
N ALA A 125 -8.60 -5.15 3.12
CA ALA A 125 -8.43 -6.59 2.95
C ALA A 125 -6.98 -6.96 2.77
N GLY A 126 -6.06 -6.02 3.00
CA GLY A 126 -4.66 -6.31 2.88
C GLY A 126 -4.22 -6.16 1.45
N LEU A 127 -4.97 -5.38 0.67
CA LEU A 127 -4.66 -5.10 -0.72
C LEU A 127 -4.42 -3.61 -0.96
N ALA A 128 -4.03 -2.88 0.09
CA ALA A 128 -3.53 -1.53 -0.05
C ALA A 128 -4.63 -0.55 -0.49
N SER A 129 -5.87 -0.75 -0.06
CA SER A 129 -6.87 0.27 -0.32
C SER A 129 -6.57 1.56 0.44
N SER A 130 -5.83 1.50 1.55
CA SER A 130 -5.52 2.77 2.22
C SER A 130 -4.49 3.56 1.43
N ALA A 131 -3.63 2.88 0.67
CA ALA A 131 -2.60 3.58 -0.08
C ALA A 131 -3.20 4.30 -1.28
N SER A 132 -3.99 3.59 -2.07
CA SER A 132 -4.65 4.25 -3.19
C SER A 132 -5.68 5.26 -2.69
N GLY A 133 -6.36 4.94 -1.58
CA GLY A 133 -7.45 5.79 -1.14
C GLY A 133 -6.96 7.10 -0.56
N LEU A 134 -5.93 7.06 0.28
CA LEU A 134 -5.49 8.32 0.86
C LEU A 134 -4.62 9.09 -0.12
N ALA A 135 -3.95 8.41 -1.04
CA ALA A 135 -3.22 9.13 -2.07
C ALA A 135 -4.19 9.91 -2.95
N ALA A 136 -5.29 9.27 -3.32
CA ALA A 136 -6.26 9.93 -4.18
C ALA A 136 -6.93 11.10 -3.47
N LEU A 137 -7.17 10.99 -2.16
CA LEU A 137 -7.75 12.11 -1.41
C LEU A 137 -6.76 13.25 -1.28
N ALA A 138 -5.49 12.92 -1.02
CA ALA A 138 -4.47 13.96 -0.93
C ALA A 138 -4.38 14.70 -2.25
N GLY A 139 -4.38 13.96 -3.36
CA GLY A 139 -4.31 14.57 -4.67
C GLY A 139 -5.53 15.40 -5.00
N ALA A 140 -6.72 14.95 -4.61
CA ALA A 140 -7.90 15.73 -4.92
C ALA A 140 -7.96 17.00 -4.06
N CYS A 141 -7.57 16.90 -2.78
CA CYS A 141 -7.49 18.09 -1.93
C CYS A 141 -6.45 19.07 -2.45
N ASN A 142 -5.33 18.56 -2.94
CA ASN A 142 -4.27 19.43 -3.44
C ASN A 142 -4.79 20.28 -4.59
N VAL A 143 -5.58 19.66 -5.49
CA VAL A 143 -6.15 20.39 -6.62
C VAL A 143 -7.15 21.42 -6.14
N ALA A 144 -8.10 21.00 -5.32
CA ALA A 144 -9.24 21.83 -4.98
C ALA A 144 -8.82 23.07 -4.21
N LEU A 145 -7.88 22.91 -3.30
CA LEU A 145 -7.42 24.01 -2.48
C LEU A 145 -6.23 24.71 -3.11
N GLY A 146 -5.89 24.33 -4.34
CA GLY A 146 -4.82 24.95 -5.10
C GLY A 146 -3.51 24.97 -4.37
N LEU A 147 -3.11 23.83 -3.80
CA LEU A 147 -1.87 23.80 -3.05
C LEU A 147 -0.65 23.71 -3.93
N ASN A 148 -0.80 23.30 -5.19
CA ASN A 148 0.33 23.21 -6.11
C ASN A 148 1.52 22.52 -5.45
N LEU A 149 1.30 21.29 -5.01
CA LEU A 149 2.38 20.56 -4.35
C LEU A 149 3.24 19.90 -5.41
N SER A 150 4.55 19.96 -5.21
CA SER A 150 5.47 19.08 -5.91
C SER A 150 5.13 17.63 -5.60
N ALA A 151 5.65 16.73 -6.43
CA ALA A 151 5.52 15.31 -6.13
C ALA A 151 6.06 15.00 -4.74
N LYS A 152 7.22 15.54 -4.39
CA LYS A 152 7.75 15.32 -3.05
C LYS A 152 6.72 15.72 -2.00
N ASP A 153 6.19 16.93 -2.10
CA ASP A 153 5.30 17.41 -1.06
C ASP A 153 3.93 16.75 -1.13
N LEU A 154 3.52 16.23 -2.28
CA LEU A 154 2.28 15.47 -2.32
C LEU A 154 2.46 14.10 -1.65
N SER A 155 3.62 13.50 -1.86
CA SER A 155 3.95 12.30 -1.12
C SER A 155 3.90 12.57 0.38
N ARG A 156 4.48 13.72 0.82
CA ARG A 156 4.52 14.03 2.24
C ARG A 156 3.14 14.20 2.83
N LEU A 157 2.22 14.81 2.08
CA LEU A 157 0.84 14.99 2.57
C LEU A 157 0.07 13.67 2.60
N ALA A 158 0.09 12.93 1.49
CA ALA A 158 -0.50 11.59 1.46
C ALA A 158 -0.03 10.74 2.65
N ARG A 159 1.25 10.82 2.99
CA ARG A 159 1.82 10.09 4.12
C ARG A 159 1.02 10.30 5.38
N ARG A 160 0.51 11.52 5.59
CA ARG A 160 -0.20 11.78 6.82
C ARG A 160 -1.56 11.12 6.84
N GLY A 161 -2.05 10.70 5.69
CA GLY A 161 -3.30 9.98 5.66
C GLY A 161 -3.08 8.50 5.84
N SER A 162 -2.10 7.92 5.16
CA SER A 162 -1.74 6.53 5.34
C SER A 162 -0.31 6.39 4.85
N GLY A 163 0.55 5.78 5.65
CA GLY A 163 1.97 5.72 5.27
C GLY A 163 2.15 5.22 3.85
N SER A 164 1.57 4.07 3.57
CA SER A 164 1.67 3.48 2.24
C SER A 164 1.16 4.40 1.15
N ALA A 165 0.33 5.39 1.47
CA ALA A 165 -0.15 6.24 0.39
C ALA A 165 0.95 7.11 -0.17
N CYS A 166 2.01 7.41 0.60
CA CYS A 166 3.00 8.31 0.07
C CYS A 166 3.73 7.68 -1.10
N ARG A 167 3.68 6.36 -1.23
CA ARG A 167 4.34 5.66 -2.33
C ARG A 167 3.47 5.56 -3.57
N SER A 168 2.14 5.61 -3.42
CA SER A 168 1.29 5.57 -4.59
C SER A 168 1.33 6.86 -5.40
N ILE A 169 1.99 7.91 -4.91
CA ILE A 169 2.19 9.11 -5.71
C ILE A 169 2.97 8.78 -6.98
N PHE A 170 3.86 7.78 -6.91
CA PHE A 170 4.76 7.41 -8.00
C PHE A 170 4.35 6.11 -8.65
N GLY A 171 4.83 5.91 -9.88
CA GLY A 171 4.62 4.68 -10.60
C GLY A 171 5.87 3.78 -10.55
N GLY A 172 5.69 2.54 -10.98
CA GLY A 172 6.81 1.61 -10.99
C GLY A 172 7.34 1.36 -9.59
N PHE A 173 8.67 1.30 -9.47
CA PHE A 173 9.30 1.11 -8.17
C PHE A 173 9.42 2.46 -7.47
N ALA A 174 9.19 2.46 -6.16
CA ALA A 174 9.28 3.65 -5.34
C ALA A 174 9.83 3.26 -3.98
N GLN A 175 10.53 4.19 -3.35
CA GLN A 175 11.11 3.95 -2.05
C GLN A 175 10.61 5.05 -1.13
N TRP A 176 10.07 4.67 0.02
CA TRP A 176 9.76 5.60 1.11
C TRP A 176 10.97 5.65 2.04
N ASN A 177 11.69 6.76 2.01
CA ASN A 177 12.77 7.03 2.97
C ASN A 177 12.18 7.51 4.30
N LYS A 178 12.51 6.80 5.36
CA LYS A 178 11.89 7.07 6.63
C LYS A 178 12.18 8.51 7.05
N GLY A 179 13.31 9.05 6.62
CA GLY A 179 13.74 10.37 7.04
C GLY A 179 13.73 10.47 8.55
N HIS A 180 13.61 11.69 9.07
CA HIS A 180 13.63 11.91 10.51
C HIS A 180 12.65 12.99 10.95
N SER A 181 11.74 13.39 10.08
CA SER A 181 10.85 14.51 10.36
C SER A 181 9.79 14.58 9.26
N ASP A 182 8.77 15.42 9.52
CA ASP A 182 7.72 15.63 8.52
C ASP A 182 8.32 16.10 7.19
N GLU A 183 9.42 16.83 7.24
CA GLU A 183 9.97 17.40 6.01
C GLU A 183 10.76 16.37 5.23
N THR A 184 11.37 15.39 5.90
CA THR A 184 12.29 14.48 5.25
C THR A 184 11.74 13.06 5.05
N SER A 185 10.52 12.77 5.48
CA SER A 185 9.94 11.43 5.34
C SER A 185 9.00 11.44 4.14
N PHE A 186 9.42 10.82 3.04
CA PHE A 186 8.59 10.81 1.84
C PHE A 186 9.19 9.86 0.82
N ALA A 187 8.44 9.63 -0.24
CA ALA A 187 8.83 8.63 -1.23
C ALA A 187 9.39 9.31 -2.47
N GLU A 188 9.93 8.49 -3.36
CA GLU A 188 10.61 8.92 -4.58
C GLU A 188 10.65 7.72 -5.53
N ASN A 189 10.64 7.99 -6.82
CA ASN A 189 10.70 6.90 -7.76
C ASN A 189 12.12 6.31 -7.81
N ILE A 190 12.15 5.01 -8.12
CA ILE A 190 13.39 4.24 -8.25
C ILE A 190 13.54 3.87 -9.72
N PRO A 191 14.44 4.51 -10.47
CA PRO A 191 14.60 4.14 -11.87
C PRO A 191 15.24 2.75 -11.98
N ALA A 192 14.68 1.92 -12.86
CA ALA A 192 15.09 0.53 -12.94
C ALA A 192 15.25 0.06 -14.39
N ASN A 193 15.53 1.00 -15.32
CA ASN A 193 15.71 0.65 -16.74
C ASN A 193 14.51 -0.14 -17.24
N ASN A 194 13.33 0.26 -16.79
CA ASN A 194 12.06 -0.39 -17.15
C ASN A 194 12.02 -1.87 -16.80
N TRP A 195 12.92 -2.35 -15.92
CA TRP A 195 12.76 -3.71 -15.41
C TRP A 195 11.34 -3.95 -14.89
N GLU A 196 10.71 -2.95 -14.28
CA GLU A 196 9.39 -3.20 -13.70
C GLU A 196 8.37 -3.60 -14.74
N ASN A 197 8.58 -3.25 -16.02
CA ASN A 197 7.63 -3.65 -17.05
C ASN A 197 7.81 -5.10 -17.50
N GLU A 198 8.90 -5.75 -17.10
CA GLU A 198 9.08 -7.18 -17.31
C GLU A 198 8.46 -8.04 -16.19
N LEU A 199 7.85 -7.42 -15.16
CA LEU A 199 7.35 -8.15 -13.99
C LEU A 199 5.82 -8.11 -13.88
N ALA A 200 5.35 -9.02 -13.06
CA ALA A 200 3.93 -9.16 -12.75
C ALA A 200 3.81 -9.57 -11.29
N MET A 201 2.64 -9.28 -10.72
CA MET A 201 2.27 -9.72 -9.38
C MET A 201 0.92 -10.40 -9.50
N LEU A 202 0.85 -11.69 -9.18
CA LEU A 202 -0.40 -12.42 -9.28
C LEU A 202 -1.00 -12.57 -7.90
N PHE A 203 -2.22 -12.04 -7.75
CA PHE A 203 -2.94 -12.00 -6.50
C PHE A 203 -3.76 -13.27 -6.32
N ILE A 204 -3.55 -13.95 -5.19
CA ILE A 204 -4.35 -15.09 -4.79
C ILE A 204 -5.33 -14.60 -3.74
N LEU A 205 -6.59 -14.47 -4.13
CA LEU A 205 -7.61 -13.91 -3.25
C LEU A 205 -8.25 -15.02 -2.43
N ILE A 206 -7.86 -15.06 -1.15
CA ILE A 206 -8.31 -16.03 -0.18
C ILE A 206 -9.57 -15.53 0.52
N ASN A 207 -9.70 -14.22 0.65
CA ASN A 207 -10.76 -13.57 1.41
C ASN A 207 -10.62 -12.07 1.18
N ASP A 208 -11.60 -11.48 0.49
CA ASP A 208 -11.63 -10.04 0.20
C ASP A 208 -12.42 -9.26 1.26
N GLY A 209 -12.84 -9.91 2.32
CA GLY A 209 -13.51 -9.24 3.42
C GLY A 209 -12.61 -8.26 4.15
N GLU A 210 -13.22 -7.49 5.06
CA GLU A 210 -12.48 -6.53 5.86
C GLU A 210 -11.80 -7.21 7.05
N LYS A 211 -10.51 -6.90 7.22
CA LYS A 211 -9.66 -7.58 8.19
C LYS A 211 -10.08 -7.24 9.62
N ASP A 212 -9.74 -8.16 10.53
CA ASP A 212 -10.06 -7.96 11.95
C ASP A 212 -9.18 -6.88 12.59
N VAL A 213 -7.90 -6.85 12.23
CA VAL A 213 -6.88 -6.01 12.87
C VAL A 213 -6.35 -5.06 11.81
N SER A 214 -6.69 -3.78 11.94
CA SER A 214 -6.28 -2.86 10.88
C SER A 214 -4.76 -2.84 10.80
N SER A 215 -4.24 -2.44 9.65
CA SER A 215 -2.79 -2.27 9.52
C SER A 215 -2.27 -1.35 10.61
N ARG A 216 -2.98 -0.27 10.87
CA ARG A 216 -2.49 0.69 11.85
C ARG A 216 -2.48 0.10 13.25
N ASP A 217 -3.53 -0.62 13.65
CA ASP A 217 -3.53 -1.19 14.99
C ASP A 217 -2.54 -2.33 15.12
N GLY A 218 -2.41 -3.14 14.07
CA GLY A 218 -1.52 -4.29 14.17
C GLY A 218 -0.08 -3.88 14.33
N MET A 219 0.36 -2.91 13.54
CA MET A 219 1.76 -2.53 13.61
C MET A 219 2.04 -1.78 14.90
N LYS A 220 1.06 -1.03 15.42
CA LYS A 220 1.26 -0.38 16.71
C LYS A 220 1.43 -1.43 17.82
N ARG A 221 0.58 -2.45 17.84
CA ARG A 221 0.76 -3.56 18.76
C ARG A 221 2.14 -4.19 18.64
N THR A 222 2.61 -4.40 17.41
CA THR A 222 3.91 -5.03 17.22
C THR A 222 5.04 -4.15 17.77
N VAL A 223 5.06 -2.87 17.37
CA VAL A 223 6.07 -1.95 17.88
C VAL A 223 6.13 -1.96 19.40
N GLU A 224 4.98 -1.86 20.04
CA GLU A 224 4.93 -1.62 21.47
C GLU A 224 5.20 -2.86 22.29
N THR A 225 4.93 -4.03 21.75
CA THR A 225 5.05 -5.23 22.57
C THR A 225 5.83 -6.38 21.98
N SER A 226 6.12 -6.41 20.67
CA SER A 226 6.67 -7.65 20.11
C SER A 226 8.15 -7.81 20.44
N SER A 227 8.49 -8.98 20.94
CA SER A 227 9.88 -9.29 21.26
C SER A 227 10.72 -9.53 20.01
N PHE A 228 10.07 -9.62 18.85
CA PHE A 228 10.71 -9.87 17.59
C PHE A 228 10.95 -8.59 16.82
N TYR A 229 10.45 -7.45 17.35
CA TYR A 229 10.50 -6.24 16.55
C TYR A 229 11.95 -5.79 16.33
N GLN A 230 12.84 -6.00 17.27
CA GLN A 230 14.23 -5.61 17.02
C GLN A 230 14.85 -6.45 15.90
N GLY A 231 14.56 -7.75 15.82
CA GLY A 231 15.06 -8.52 14.70
C GLY A 231 14.60 -7.97 13.36
N TRP A 232 13.32 -7.60 13.29
CA TRP A 232 12.80 -6.99 12.07
C TRP A 232 13.64 -5.78 11.69
N LEU A 233 13.75 -4.80 12.60
CA LEU A 233 14.50 -3.57 12.31
C LEU A 233 15.94 -3.85 11.91
N ASP A 234 16.61 -4.79 12.59
CA ASP A 234 18.02 -5.08 12.32
C ASP A 234 18.27 -5.63 10.92
N ASN A 235 17.24 -6.05 10.22
CA ASN A 235 17.40 -6.60 8.90
C ASN A 235 16.85 -5.74 7.76
N VAL A 236 16.18 -4.61 8.02
CA VAL A 236 15.48 -3.91 6.92
C VAL A 236 16.49 -3.30 5.95
N GLU A 237 17.51 -2.63 6.47
CA GLU A 237 18.40 -1.89 5.58
C GLU A 237 19.20 -2.84 4.69
N LYS A 238 19.64 -3.97 5.26
CA LYS A 238 20.27 -5.02 4.44
C LYS A 238 19.34 -5.44 3.29
N ASP A 239 18.06 -5.66 3.60
CA ASP A 239 17.12 -6.08 2.54
C ASP A 239 16.98 -5.00 1.47
N LEU A 240 16.81 -3.74 1.89
CA LEU A 240 16.69 -2.65 0.91
C LEU A 240 17.87 -2.61 -0.04
N SER A 241 19.09 -2.73 0.50
CA SER A 241 20.31 -2.72 -0.31
C SER A 241 20.32 -3.89 -1.29
N GLN A 242 20.01 -5.10 -0.80
CA GLN A 242 19.96 -6.27 -1.68
C GLN A 242 18.96 -6.07 -2.80
N VAL A 243 17.82 -5.42 -2.53
CA VAL A 243 16.87 -5.15 -3.58
C VAL A 243 17.42 -4.13 -4.58
N HIS A 244 18.15 -3.12 -4.11
CA HIS A 244 18.73 -2.14 -5.03
C HIS A 244 19.77 -2.80 -5.92
N GLU A 245 20.58 -3.69 -5.37
CA GLU A 245 21.57 -4.38 -6.20
C GLU A 245 20.92 -5.36 -7.15
N ALA A 246 19.83 -6.02 -6.75
CA ALA A 246 19.13 -6.90 -7.68
C ALA A 246 18.45 -6.12 -8.80
N ILE A 247 17.97 -4.90 -8.51
CA ILE A 247 17.37 -4.07 -9.55
C ILE A 247 18.44 -3.60 -10.54
N LYS A 248 19.59 -3.18 -10.03
CA LYS A 248 20.73 -2.81 -10.87
C LYS A 248 21.12 -3.93 -11.83
N THR A 249 21.06 -5.18 -11.37
CA THR A 249 21.46 -6.36 -12.14
C THR A 249 20.27 -7.19 -12.66
N LYS A 250 19.05 -6.64 -12.65
CA LYS A 250 17.86 -7.38 -13.07
C LYS A 250 17.90 -8.85 -12.64
N ASP A 251 18.31 -9.10 -11.41
CA ASP A 251 18.42 -10.44 -10.84
C ASP A 251 17.07 -10.79 -10.22
N PHE A 252 16.20 -11.48 -10.98
CA PHE A 252 14.88 -11.80 -10.46
C PHE A 252 14.93 -12.78 -9.30
N PRO A 253 15.64 -13.91 -9.41
CA PRO A 253 15.69 -14.82 -8.25
C PRO A 253 16.22 -14.17 -6.98
N ARG A 254 17.18 -13.26 -7.08
CA ARG A 254 17.70 -12.61 -5.88
C ARG A 254 16.70 -11.61 -5.31
N LEU A 255 16.04 -10.85 -6.18
CA LEU A 255 14.92 -10.02 -5.75
C LEU A 255 13.89 -10.88 -5.02
N GLY A 256 13.48 -11.98 -5.65
CA GLY A 256 12.45 -12.83 -5.07
C GLY A 256 12.84 -13.37 -3.70
N GLU A 257 14.08 -13.85 -3.56
CA GLU A 257 14.48 -14.44 -2.28
C GLU A 257 14.43 -13.40 -1.15
N ILE A 258 14.89 -12.17 -1.44
CA ILE A 258 14.89 -11.11 -0.43
C ILE A 258 13.46 -10.77 -0.03
N ILE A 259 12.59 -10.53 -1.00
CA ILE A 259 11.29 -10.01 -0.62
C ILE A 259 10.43 -11.08 0.02
N GLU A 260 10.62 -12.37 -0.33
CA GLU A 260 9.84 -13.43 0.32
C GLU A 260 10.20 -13.52 1.77
N ALA A 261 11.49 -13.50 2.06
CA ALA A 261 11.95 -13.55 3.43
C ALA A 261 11.60 -12.28 4.18
N ASN A 262 11.63 -11.13 3.51
CA ASN A 262 11.24 -9.90 4.22
C ASN A 262 9.78 -9.99 4.64
N GLY A 263 8.91 -10.46 3.74
CA GLY A 263 7.51 -10.65 4.09
C GLY A 263 7.31 -11.62 5.24
N LEU A 264 8.01 -12.75 5.21
CA LEU A 264 7.88 -13.71 6.29
C LEU A 264 8.37 -13.13 7.61
N ARG A 265 9.44 -12.35 7.54
CA ARG A 265 10.01 -11.73 8.74
C ARG A 265 9.02 -10.73 9.37
N MET A 266 8.31 -9.99 8.51
CA MET A 266 7.37 -9.00 9.00
C MET A 266 6.22 -9.68 9.69
N HIS A 267 5.72 -10.79 9.10
CA HIS A 267 4.60 -11.50 9.71
C HIS A 267 5.03 -12.24 10.95
N GLY A 268 6.29 -12.70 11.01
CA GLY A 268 6.75 -13.31 12.24
C GLY A 268 6.65 -12.37 13.44
N THR A 269 6.79 -11.06 13.22
CA THR A 269 6.78 -10.13 14.36
C THR A 269 5.46 -10.16 15.10
N THR A 270 4.35 -10.49 14.42
CA THR A 270 3.07 -10.43 15.11
C THR A 270 2.89 -11.61 16.05
N LEU A 271 3.54 -12.75 15.78
CA LEU A 271 3.56 -13.89 16.71
C LEU A 271 4.33 -13.65 18.00
N GLY A 272 5.09 -12.57 18.10
CA GLY A 272 5.78 -12.21 19.32
C GLY A 272 5.10 -11.09 20.06
N ALA A 273 4.02 -10.54 19.52
CA ALA A 273 3.31 -9.48 20.18
C ALA A 273 2.57 -10.03 21.41
N VAL A 274 2.01 -9.12 22.19
CA VAL A 274 1.41 -9.49 23.45
C VAL A 274 0.07 -8.77 23.52
N PRO A 275 -1.06 -9.46 23.26
CA PRO A 275 -1.13 -10.86 22.86
C PRO A 275 -0.69 -11.06 21.41
N PRO A 276 -0.19 -12.24 21.09
CA PRO A 276 0.20 -12.52 19.71
C PRO A 276 -1.02 -12.70 18.84
N PHE A 277 -0.84 -12.47 17.55
CA PHE A 277 -1.90 -12.64 16.57
C PHE A 277 -1.25 -12.93 15.22
N THR A 278 -2.06 -13.36 14.25
CA THR A 278 -1.57 -13.58 12.91
C THR A 278 -2.60 -13.04 11.92
N TYR A 279 -2.10 -12.60 10.77
CA TYR A 279 -2.95 -12.21 9.66
C TYR A 279 -3.24 -13.38 8.73
N TRP A 280 -2.55 -14.49 8.89
CA TRP A 280 -2.70 -15.60 7.98
C TRP A 280 -4.02 -16.31 8.23
N SER A 281 -4.61 -16.83 7.18
CA SER A 281 -5.69 -17.79 7.27
C SER A 281 -5.19 -19.12 6.71
N PRO A 282 -5.97 -20.20 6.84
CA PRO A 282 -5.51 -21.48 6.27
C PRO A 282 -5.20 -21.43 4.80
N GLY A 283 -6.02 -20.75 4.00
CA GLY A 283 -5.71 -20.62 2.59
C GLY A 283 -4.40 -19.90 2.34
N SER A 284 -4.01 -18.99 3.26
CA SER A 284 -2.74 -18.27 3.03
C SER A 284 -1.59 -19.24 3.02
N LEU A 285 -1.59 -20.18 3.97
CA LEU A 285 -0.51 -21.14 4.07
C LEU A 285 -0.55 -22.11 2.90
N GLN A 286 -1.75 -22.52 2.48
CA GLN A 286 -1.88 -23.35 1.28
C GLN A 286 -1.26 -22.66 0.08
N ALA A 287 -1.63 -21.40 -0.16
CA ALA A 287 -1.05 -20.67 -1.28
C ALA A 287 0.47 -20.54 -1.18
N MET A 288 1.02 -20.27 0.02
CA MET A 288 2.49 -20.12 0.10
C MET A 288 3.18 -21.44 -0.19
N ALA A 289 2.64 -22.56 0.32
CA ALA A 289 3.21 -23.88 0.02
C ALA A 289 3.20 -24.19 -1.47
N LEU A 290 2.09 -23.86 -2.16
CA LEU A 290 2.00 -24.04 -3.61
C LEU A 290 3.01 -23.20 -4.36
N VAL A 291 3.20 -21.94 -3.93
CA VAL A 291 4.23 -21.11 -4.56
C VAL A 291 5.59 -21.77 -4.43
N ARG A 292 5.88 -22.36 -3.27
CA ARG A 292 7.14 -23.10 -3.13
C ARG A 292 7.13 -24.33 -4.06
N GLN A 293 5.99 -24.98 -4.23
CA GLN A 293 5.91 -26.11 -5.18
C GLN A 293 6.10 -25.64 -6.62
N ALA A 294 5.49 -24.49 -7.00
CA ALA A 294 5.73 -23.95 -8.34
C ALA A 294 7.21 -23.73 -8.57
N ARG A 295 7.90 -23.19 -7.57
CA ARG A 295 9.34 -22.96 -7.68
C ARG A 295 10.09 -24.27 -7.85
N ALA A 296 9.71 -25.31 -7.12
CA ALA A 296 10.42 -26.57 -7.23
C ALA A 296 10.23 -27.22 -8.60
N LYS A 297 9.07 -27.00 -9.23
CA LYS A 297 8.75 -27.54 -10.55
C LYS A 297 9.16 -26.59 -11.67
N GLY A 298 10.05 -25.64 -11.39
CA GLY A 298 10.65 -24.82 -12.42
C GLY A 298 9.96 -23.52 -12.78
N ILE A 299 9.06 -23.01 -11.94
CA ILE A 299 8.52 -21.67 -12.20
C ILE A 299 9.09 -20.67 -11.19
N PRO A 300 10.03 -19.84 -11.58
CA PRO A 300 10.58 -18.87 -10.62
C PRO A 300 9.52 -17.87 -10.16
N CYS A 301 9.06 -18.00 -8.91
CA CYS A 301 8.07 -17.09 -8.38
C CYS A 301 8.21 -17.07 -6.86
N TYR A 302 7.71 -15.99 -6.23
CA TYR A 302 8.03 -15.67 -4.84
C TYR A 302 6.84 -14.95 -4.23
N PHE A 303 6.47 -15.34 -3.01
CA PHE A 303 5.26 -14.81 -2.39
C PHE A 303 5.59 -13.67 -1.43
N THR A 304 4.66 -12.73 -1.32
CA THR A 304 4.63 -11.79 -0.20
C THR A 304 3.20 -11.61 0.25
N MET A 305 3.04 -11.11 1.48
CA MET A 305 1.74 -10.90 2.08
C MET A 305 1.76 -9.57 2.81
N ASP A 306 0.57 -9.02 3.01
CA ASP A 306 0.47 -7.78 3.75
C ASP A 306 -0.45 -8.04 4.92
N ALA A 307 -1.12 -7.01 5.44
CA ALA A 307 -1.94 -7.17 6.62
C ALA A 307 -3.30 -7.73 6.23
N GLY A 308 -3.31 -9.03 5.91
CA GLY A 308 -4.50 -9.73 5.53
C GLY A 308 -4.08 -11.07 5.00
N PRO A 309 -5.07 -11.91 4.66
CA PRO A 309 -4.82 -13.32 4.32
C PRO A 309 -4.45 -13.58 2.87
N ASN A 310 -4.53 -12.58 2.00
CA ASN A 310 -4.33 -12.80 0.58
C ASN A 310 -2.84 -12.91 0.30
N VAL A 311 -2.52 -13.65 -0.74
CA VAL A 311 -1.12 -13.93 -1.05
C VAL A 311 -0.82 -13.37 -2.43
N LYS A 312 0.30 -12.68 -2.56
CA LYS A 312 0.64 -11.96 -3.78
C LYS A 312 1.91 -12.59 -4.26
N VAL A 313 1.99 -12.92 -5.55
CA VAL A 313 3.09 -13.73 -6.07
C VAL A 313 3.81 -12.94 -7.14
N LEU A 314 5.08 -12.66 -6.88
CA LEU A 314 5.90 -11.98 -7.84
C LEU A 314 6.42 -13.00 -8.83
N VAL A 315 6.27 -12.68 -10.12
CA VAL A 315 6.64 -13.57 -11.21
C VAL A 315 6.92 -12.73 -12.44
N GLU A 316 7.88 -13.20 -13.25
CA GLU A 316 8.14 -12.56 -14.54
C GLU A 316 6.95 -12.76 -15.47
N LYS A 317 6.70 -11.76 -16.33
CA LYS A 317 5.62 -11.87 -17.31
C LYS A 317 5.70 -13.16 -18.12
N LYS A 318 6.92 -13.60 -18.47
CA LYS A 318 7.12 -14.86 -19.19
C LYS A 318 6.38 -16.02 -18.55
N ASN A 319 6.34 -16.04 -17.23
CA ASN A 319 5.93 -17.24 -16.53
C ASN A 319 4.55 -17.10 -15.92
N LEU A 320 3.83 -16.05 -16.29
CA LEU A 320 2.63 -15.73 -15.54
C LEU A 320 1.49 -16.70 -15.86
N GLU A 321 1.26 -17.02 -17.15
CA GLU A 321 0.18 -17.93 -17.51
C GLU A 321 0.49 -19.34 -17.01
N ALA A 322 1.76 -19.73 -17.08
CA ALA A 322 2.21 -20.96 -16.43
C ALA A 322 1.81 -21.02 -14.95
N LEU A 323 2.13 -19.95 -14.21
CA LEU A 323 1.79 -19.90 -12.79
C LEU A 323 0.28 -19.97 -12.60
N LYS A 324 -0.46 -19.19 -13.38
CA LYS A 324 -1.92 -19.20 -13.31
C LYS A 324 -2.48 -20.61 -13.48
N THR A 325 -1.91 -21.36 -14.41
CA THR A 325 -2.46 -22.68 -14.70
C THR A 325 -2.13 -23.65 -13.57
N PHE A 326 -0.88 -23.62 -13.12
CA PHE A 326 -0.51 -24.34 -11.92
C PHE A 326 -1.43 -23.99 -10.75
N LEU A 327 -1.61 -22.68 -10.46
CA LEU A 327 -2.41 -22.33 -9.29
C LEU A 327 -3.89 -22.70 -9.44
N SER A 328 -4.41 -22.78 -10.68
CA SER A 328 -5.81 -23.18 -10.92
C SER A 328 -6.12 -24.59 -10.44
N GLU A 329 -5.10 -25.40 -10.17
CA GLU A 329 -5.38 -26.71 -9.61
C GLU A 329 -6.03 -26.61 -8.24
N HIS A 330 -5.84 -25.50 -7.52
CA HIS A 330 -6.46 -25.35 -6.21
C HIS A 330 -7.27 -24.09 -6.03
N PHE A 331 -7.23 -23.15 -6.98
CA PHE A 331 -8.00 -21.92 -6.87
C PHE A 331 -8.79 -21.70 -8.15
N SER A 332 -10.00 -21.20 -7.99
CA SER A 332 -10.82 -20.83 -9.12
C SER A 332 -10.19 -19.65 -9.84
N LYS A 333 -10.56 -19.49 -11.11
CA LYS A 333 -10.00 -18.44 -11.95
C LYS A 333 -10.28 -17.04 -11.39
N GLU A 334 -11.45 -16.85 -10.76
CA GLU A 334 -11.82 -15.59 -10.13
C GLU A 334 -10.94 -15.25 -8.94
N GLN A 335 -10.17 -16.21 -8.42
CA GLN A 335 -9.27 -15.98 -7.30
C GLN A 335 -7.90 -15.55 -7.73
N LEU A 336 -7.62 -15.48 -9.03
CA LEU A 336 -6.26 -15.23 -9.51
C LEU A 336 -6.30 -13.99 -10.40
N VAL A 337 -5.92 -12.86 -9.83
CA VAL A 337 -6.00 -11.55 -10.47
C VAL A 337 -4.59 -11.08 -10.79
N PRO A 338 -4.22 -10.96 -12.05
CA PRO A 338 -2.91 -10.42 -12.37
C PRO A 338 -2.87 -8.91 -12.29
N ALA A 339 -1.66 -8.40 -12.08
CA ALA A 339 -1.42 -6.97 -12.05
C ALA A 339 0.00 -6.73 -12.52
N PHE A 340 0.18 -5.61 -13.22
CA PHE A 340 1.47 -5.24 -13.76
C PHE A 340 1.89 -3.89 -13.21
N ALA A 341 3.08 -3.43 -13.57
CA ALA A 341 3.51 -2.12 -13.13
C ALA A 341 2.45 -1.08 -13.50
N GLY A 342 2.29 -0.06 -12.66
CA GLY A 342 1.24 0.90 -12.81
C GLY A 342 1.78 2.32 -12.75
N PRO A 343 0.90 3.29 -12.98
CA PRO A 343 1.31 4.69 -13.03
C PRO A 343 1.15 5.42 -11.70
N GLY A 344 1.90 6.52 -11.59
CA GLY A 344 1.78 7.46 -10.49
C GLY A 344 0.43 8.17 -10.48
N ILE A 345 0.30 9.10 -9.54
CA ILE A 345 -1.01 9.72 -9.32
C ILE A 345 -1.35 10.61 -10.52
N GLU A 346 -2.63 10.68 -10.85
CA GLU A 346 -3.17 11.52 -11.91
C GLU A 346 -4.15 12.52 -11.30
N LEU A 347 -3.85 13.81 -11.45
CA LEU A 347 -4.69 14.89 -10.93
C LEU A 347 -5.66 15.41 -11.98
N PHE A 348 -6.81 15.88 -11.53
CA PHE A 348 -7.86 16.36 -12.43
C PHE A 348 -8.60 17.57 -11.86
N GLU A 349 -8.76 18.60 -12.71
CA GLU A 349 -9.58 19.76 -12.40
C GLU A 349 -11.05 19.46 -12.72
N THR A 350 -11.94 20.04 -11.97
CA THR A 350 -13.35 19.77 -12.20
C THR A 350 -14.17 21.06 -12.35
#